data_6S3O
#
_entry.id   6S3O
#
_cell.length_a   61.012
_cell.length_b   64.489
_cell.length_c   144.829
_cell.angle_alpha   90.00
_cell.angle_beta   90.00
_cell.angle_gamma   90.00
#
_symmetry.space_group_name_H-M   'P 21 21 21'
#
loop_
_entity.id
_entity.type
_entity.pdbx_description
1 polymer 'PIF1 helicase'
2 polymer "DNA (5'-D(*TP*TP*TP*TP*TP*TP*TP*T)-3')"
3 non-polymer "ADENOSINE-5'-DIPHOSPHATE"
4 non-polymer 'MAGNESIUM ION'
5 water water
#
loop_
_entity_poly.entity_id
_entity_poly.type
_entity_poly.pdbx_seq_one_letter_code
_entity_poly.pdbx_strand_id
1 'polypeptide(L)'
;TPEGLSSEQQRAFLAVTQTPHPAHLITGPAGTGKTTLLYALQEFYKGRAVTLAPTGTAALQARGQTVHSFFRFPARLLRY
RHPEDIRPPGPHSPLRKAIEQMEVLILDEVGMVRVDLLEAMDWALRKTRKRLEEPFGGVKVLLLGDTRQLEPVVPGGEEA
LYIARTWGGPFFFQAHVWEEVALRVHRLWESQRQREDPLFAELLKRLRQGDPQALETLNRAAVRPDGGEEPGTLILTPRR
KEADALNLKRLEALPGKPLEYQAQVKGEFAETDFPTEAALTLKKGAQVILLRNDPLGEYFNGDLGWVEDLEAEALAVRLK
RNGRRVVIRPFVWEKIVYTYDSEREEIKPQVVGTFRQVPVRLAWALTVHKAQGLTLDKVHLELGRGLFAHGQLYVALTRV
RRLQDLSLSRPIAPTELLWRPEVEVFETRIQEGIWQKSHGWPSL
;
A
2 'polydeoxyribonucleotide' (DT)(DT)(DT)(DT)(DT)(DT)(DT)(DT)(DT)(DT)(DT)(DT)(DT)(DT)(DT)(DT)(DT)(DT) B
#
loop_
_chem_comp.id
_chem_comp.type
_chem_comp.name
_chem_comp.formula
ADP non-polymer ADENOSINE-5'-DIPHOSPHATE 'C10 H15 N5 O10 P2'
DT DNA linking THYMIDINE-5'-MONOPHOSPHATE 'C10 H15 N2 O8 P'
MG non-polymer 'MAGNESIUM ION' 'Mg 2'
#
# COMPACT_ATOMS: atom_id res chain seq x y z
N GLY A 4 -19.48 20.53 -0.21
CA GLY A 4 -18.86 20.53 -1.52
C GLY A 4 -18.72 19.15 -2.14
N LEU A 5 -19.53 18.21 -1.68
CA LEU A 5 -19.50 16.85 -2.19
C LEU A 5 -20.43 16.72 -3.39
N SER A 6 -20.13 15.76 -4.26
CA SER A 6 -21.09 15.40 -5.28
C SER A 6 -22.28 14.70 -4.64
N SER A 7 -23.30 14.42 -5.47
CA SER A 7 -24.48 13.73 -4.97
C SER A 7 -24.13 12.31 -4.50
N GLU A 8 -23.29 11.62 -5.26
CA GLU A 8 -22.86 10.29 -4.86
C GLU A 8 -22.09 10.33 -3.56
N GLN A 9 -21.19 11.31 -3.42
CA GLN A 9 -20.38 11.42 -2.20
C GLN A 9 -21.24 11.82 -1.00
N GLN A 10 -22.21 12.71 -1.21
CA GLN A 10 -23.08 13.12 -0.12
C GLN A 10 -23.94 11.96 0.37
N ARG A 11 -24.43 11.13 -0.55
CA ARG A 11 -25.15 9.91 -0.19
C ARG A 11 -24.35 9.08 0.80
N ALA A 12 -23.07 8.82 0.49
CA ALA A 12 -22.24 8.02 1.39
C ALA A 12 -21.94 8.78 2.68
N PHE A 13 -21.67 10.09 2.57
CA PHE A 13 -21.41 10.89 3.76
C PHE A 13 -22.57 10.81 4.74
N LEU A 14 -23.80 10.95 4.23
CA LEU A 14 -24.96 10.92 5.11
C LEU A 14 -25.21 9.50 5.63
N ALA A 15 -25.01 8.50 4.79
CA ALA A 15 -25.23 7.12 5.21
C ALA A 15 -24.27 6.71 6.31
N VAL A 16 -23.11 7.35 6.38
CA VAL A 16 -22.10 7.02 7.39
C VAL A 16 -22.27 7.85 8.66
N THR A 17 -22.62 9.13 8.52
CA THR A 17 -22.64 10.04 9.66
C THR A 17 -23.98 10.07 10.38
N GLN A 18 -25.08 9.79 9.69
CA GLN A 18 -26.42 9.94 10.24
C GLN A 18 -27.04 8.59 10.61
N THR A 19 -26.22 7.62 10.97
CA THR A 19 -26.66 6.34 11.50
C THR A 19 -25.79 5.97 12.68
N PRO A 20 -26.33 5.22 13.64
CA PRO A 20 -25.48 4.72 14.74
C PRO A 20 -24.69 3.47 14.38
N HIS A 21 -24.95 2.86 13.23
CA HIS A 21 -24.26 1.63 12.86
C HIS A 21 -22.76 1.83 12.91
N PRO A 22 -21.99 0.92 13.53
CA PRO A 22 -20.58 1.16 13.83
C PRO A 22 -19.57 0.64 12.80
N ALA A 23 -20.00 0.14 11.63
CA ALA A 23 -19.02 -0.41 10.70
C ALA A 23 -19.46 -0.15 9.26
N HIS A 24 -18.65 0.62 8.54
CA HIS A 24 -18.96 1.04 7.18
C HIS A 24 -17.73 0.87 6.29
N LEU A 25 -17.98 0.51 5.03
CA LEU A 25 -16.98 0.46 3.99
C LEU A 25 -17.41 1.35 2.84
N ILE A 26 -16.58 2.32 2.49
CA ILE A 26 -16.78 3.17 1.32
C ILE A 26 -15.74 2.77 0.28
N THR A 27 -16.19 2.30 -0.88
CA THR A 27 -15.28 1.68 -1.83
C THR A 27 -15.63 2.07 -3.26
N GLY A 28 -14.61 2.09 -4.10
CA GLY A 28 -14.74 2.45 -5.50
C GLY A 28 -13.37 2.58 -6.13
N PRO A 29 -13.31 2.61 -7.46
CA PRO A 29 -12.01 2.74 -8.14
C PRO A 29 -11.32 4.05 -7.81
N ALA A 30 -10.07 4.16 -8.26
CA ALA A 30 -9.30 5.37 -8.03
C ALA A 30 -9.95 6.56 -8.73
N GLY A 31 -9.80 7.75 -8.14
CA GLY A 31 -10.39 8.94 -8.70
C GLY A 31 -11.88 9.07 -8.50
N THR A 32 -12.44 8.35 -7.54
CA THR A 32 -13.89 8.31 -7.33
C THR A 32 -14.34 9.23 -6.19
N GLY A 33 -13.40 9.82 -5.45
CA GLY A 33 -13.74 10.75 -4.41
C GLY A 33 -13.56 10.26 -2.99
N LYS A 34 -12.91 9.11 -2.82
CA LYS A 34 -12.76 8.55 -1.47
C LYS A 34 -11.99 9.48 -0.56
N THR A 35 -10.89 10.06 -1.06
CA THR A 35 -10.05 10.92 -0.21
C THR A 35 -10.77 12.22 0.16
N THR A 36 -11.45 12.84 -0.81
CA THR A 36 -12.14 14.08 -0.50
C THR A 36 -13.35 13.84 0.39
N LEU A 37 -13.94 12.65 0.31
CA LEU A 37 -14.98 12.26 1.26
C LEU A 37 -14.39 12.09 2.65
N LEU A 38 -13.19 11.51 2.74
CA LEU A 38 -12.50 11.39 4.02
C LEU A 38 -12.26 12.75 4.66
N TYR A 39 -11.83 13.75 3.88
CA TYR A 39 -11.66 15.09 4.43
C TYR A 39 -12.97 15.64 4.98
N ALA A 40 -14.09 15.40 4.27
CA ALA A 40 -15.38 15.85 4.78
C ALA A 40 -15.75 15.13 6.06
N LEU A 41 -15.44 13.83 6.15
CA LEU A 41 -15.68 13.09 7.38
C LEU A 41 -14.81 13.62 8.51
N GLN A 42 -13.55 13.98 8.21
CA GLN A 42 -12.68 14.54 9.22
C GLN A 42 -13.23 15.86 9.74
N GLU A 43 -13.69 16.72 8.84
CA GLU A 43 -14.27 18.00 9.26
C GLU A 43 -15.52 17.80 10.10
N PHE A 44 -16.31 16.77 9.80
CA PHE A 44 -17.52 16.52 10.59
C PHE A 44 -17.19 16.09 12.02
N TYR A 45 -16.22 15.19 12.16
CA TYR A 45 -15.92 14.46 13.39
C TYR A 45 -14.91 15.14 14.30
N LYS A 46 -14.32 16.26 13.90
CA LYS A 46 -12.88 16.51 13.96
C LYS A 46 -12.15 15.90 15.15
N GLY A 47 -12.50 16.28 16.39
CA GLY A 47 -11.81 15.71 17.52
C GLY A 47 -12.10 14.25 17.77
N ARG A 48 -13.30 13.80 17.39
CA ARG A 48 -13.78 12.47 17.74
C ARG A 48 -13.13 11.35 16.92
N ALA A 49 -12.41 11.67 15.84
CA ALA A 49 -11.96 10.66 14.90
C ALA A 49 -10.44 10.63 14.81
N VAL A 50 -9.90 9.42 14.70
CA VAL A 50 -8.48 9.19 14.44
C VAL A 50 -8.37 8.59 13.04
N THR A 51 -7.51 9.17 12.22
CA THR A 51 -7.35 8.75 10.82
C THR A 51 -6.05 7.95 10.68
N LEU A 52 -6.18 6.72 10.18
CA LEU A 52 -5.05 5.82 10.00
C LEU A 52 -5.04 5.26 8.59
N ALA A 53 -3.87 4.75 8.18
CA ALA A 53 -3.67 4.16 6.87
C ALA A 53 -2.54 3.14 6.96
N PRO A 54 -2.52 2.13 6.09
CA PRO A 54 -1.51 1.07 6.21
C PRO A 54 -0.12 1.47 5.76
N THR A 55 0.03 2.49 4.91
CA THR A 55 1.34 2.90 4.44
C THR A 55 1.57 4.37 4.77
N GLY A 56 2.84 4.77 4.71
CA GLY A 56 3.19 6.15 5.00
C GLY A 56 2.63 7.12 3.97
N THR A 57 2.74 6.78 2.68
CA THR A 57 2.22 7.67 1.64
C THR A 57 0.71 7.78 1.71
N ALA A 58 0.01 6.68 2.01
CA ALA A 58 -1.43 6.73 2.18
C ALA A 58 -1.80 7.53 3.42
N ALA A 59 -1.03 7.39 4.50
CA ALA A 59 -1.27 8.18 5.70
C ALA A 59 -1.09 9.67 5.42
N LEU A 60 -0.08 10.01 4.62
CA LEU A 60 0.14 11.40 4.23
C LEU A 60 -1.07 11.93 3.47
N GLN A 61 -1.52 11.20 2.45
CA GLN A 61 -2.67 11.63 1.67
C GLN A 61 -3.95 11.67 2.50
N ALA A 62 -4.06 10.82 3.52
CA ALA A 62 -5.24 10.78 4.37
C ALA A 62 -5.17 11.77 5.54
N ARG A 63 -4.09 12.55 5.64
CA ARG A 63 -3.88 13.46 6.77
C ARG A 63 -3.99 12.73 8.10
N GLY A 64 -3.37 11.55 8.16
CA GLY A 64 -3.33 10.72 9.36
C GLY A 64 -1.94 10.18 9.62
N GLN A 65 -1.89 9.02 10.30
CA GLN A 65 -0.65 8.30 10.56
C GLN A 65 -0.82 6.85 10.14
N THR A 66 0.30 6.12 10.06
CA THR A 66 0.21 4.69 9.81
C THR A 66 -0.43 3.99 11.00
N VAL A 67 -1.07 2.85 10.73
CA VAL A 67 -1.63 2.05 11.82
C VAL A 67 -0.53 1.67 12.80
N HIS A 68 0.63 1.22 12.28
CA HIS A 68 1.70 0.78 13.16
C HIS A 68 2.14 1.89 14.10
N SER A 69 2.28 3.12 13.59
CA SER A 69 2.81 4.20 14.42
C SER A 69 1.82 4.61 15.50
N PHE A 70 0.52 4.61 15.20
CA PHE A 70 -0.47 5.00 16.20
C PHE A 70 -0.51 4.00 17.35
N PHE A 71 -0.65 2.71 17.03
CA PHE A 71 -0.76 1.67 18.03
C PHE A 71 0.57 1.16 18.55
N ARG A 72 1.69 1.58 17.93
CA ARG A 72 3.02 1.09 18.27
C ARG A 72 3.13 -0.42 18.03
N PHE A 73 2.55 -0.90 16.92
CA PHE A 73 2.69 -2.30 16.53
C PHE A 73 4.10 -2.55 16.00
N PRO A 74 4.66 -3.74 16.25
CA PRO A 74 5.96 -4.07 15.66
C PRO A 74 5.84 -4.36 14.17
N ALA A 75 6.98 -4.23 13.48
CA ALA A 75 7.02 -4.41 12.03
C ALA A 75 7.18 -5.89 11.69
N ARG A 76 6.19 -6.68 12.06
CA ARG A 76 6.22 -8.12 11.84
C ARG A 76 4.80 -8.67 11.88
N LEU A 77 4.68 -9.97 11.62
CA LEU A 77 3.41 -10.67 11.75
C LEU A 77 2.78 -10.40 13.11
N LEU A 78 1.53 -9.95 13.11
CA LEU A 78 0.79 -9.68 14.34
C LEU A 78 -0.10 -10.89 14.61
N ARG A 79 0.38 -11.78 15.47
CA ARG A 79 -0.36 -13.00 15.76
C ARG A 79 -1.64 -12.67 16.50
N TYR A 80 -2.65 -13.52 16.28
CA TYR A 80 -4.02 -13.23 16.67
C TYR A 80 -4.14 -13.01 18.17
N ARG A 81 -4.47 -11.77 18.56
CA ARG A 81 -4.62 -11.37 19.96
C ARG A 81 -3.44 -11.83 20.82
N HIS A 82 -2.25 -11.86 20.23
CA HIS A 82 -1.06 -12.32 20.95
C HIS A 82 -0.51 -11.21 21.83
N PRO A 83 -0.31 -11.45 23.14
CA PRO A 83 0.09 -10.35 24.04
C PRO A 83 1.48 -9.81 23.78
N GLU A 84 2.35 -10.56 23.10
CA GLU A 84 3.69 -10.08 22.80
C GLU A 84 3.76 -9.23 21.54
N ASP A 85 2.80 -9.36 20.61
CA ASP A 85 2.75 -8.49 19.43
C ASP A 85 1.77 -7.33 19.57
N ILE A 86 0.76 -7.44 20.42
CA ILE A 86 -0.31 -6.47 20.52
C ILE A 86 -0.37 -6.02 21.98
N ARG A 87 0.32 -4.90 22.29
CA ARG A 87 0.45 -4.43 23.66
C ARG A 87 -0.37 -3.17 23.86
N PRO A 88 -1.29 -3.15 24.83
CA PRO A 88 -2.05 -1.92 25.09
C PRO A 88 -1.15 -0.86 25.69
N PRO A 89 -1.50 0.42 25.54
CA PRO A 89 -0.68 1.49 26.13
C PRO A 89 -0.75 1.49 27.65
N GLY A 90 0.24 2.15 28.25
CA GLY A 90 0.37 2.19 29.69
C GLY A 90 -0.76 2.94 30.36
N PRO A 91 -0.79 2.90 31.69
CA PRO A 91 -1.95 3.44 32.42
C PRO A 91 -2.14 4.94 32.28
N HIS A 92 -1.05 5.71 32.11
CA HIS A 92 -1.13 7.16 32.07
C HIS A 92 -0.38 7.72 30.87
N SER A 93 -0.60 7.10 29.72
CA SER A 93 0.06 7.54 28.51
C SER A 93 -0.90 8.34 27.64
N PRO A 94 -0.37 9.23 26.78
CA PRO A 94 -1.24 9.92 25.83
C PRO A 94 -1.98 8.98 24.90
N LEU A 95 -1.38 7.85 24.52
CA LEU A 95 -2.03 6.93 23.60
C LEU A 95 -3.25 6.28 24.24
N ARG A 96 -3.18 5.95 25.53
CA ARG A 96 -4.34 5.40 26.24
C ARG A 96 -5.50 6.38 26.23
N LYS A 97 -5.21 7.65 26.55
CA LYS A 97 -6.25 8.66 26.52
C LYS A 97 -6.84 8.81 25.12
N ALA A 98 -5.98 8.77 24.09
CA ALA A 98 -6.46 8.89 22.72
C ALA A 98 -7.38 7.74 22.35
N ILE A 99 -7.06 6.53 22.80
CA ILE A 99 -7.89 5.38 22.46
C ILE A 99 -9.16 5.35 23.30
N GLU A 100 -9.06 5.70 24.59
CA GLU A 100 -10.23 5.68 25.45
C GLU A 100 -11.26 6.70 25.02
N GLN A 101 -10.82 7.86 24.52
CA GLN A 101 -11.73 8.93 24.12
C GLN A 101 -12.11 8.88 22.65
N MET A 102 -11.51 7.96 21.90
CA MET A 102 -11.82 7.83 20.47
C MET A 102 -13.28 7.45 20.28
N GLU A 103 -13.91 8.08 19.31
CA GLU A 103 -15.27 7.72 18.91
C GLU A 103 -15.33 7.09 17.53
N VAL A 104 -14.51 7.56 16.60
CA VAL A 104 -14.51 7.08 15.23
C VAL A 104 -13.07 6.80 14.80
N LEU A 105 -12.86 5.68 14.12
CA LEU A 105 -11.59 5.39 13.47
C LEU A 105 -11.79 5.41 11.97
N ILE A 106 -11.05 6.26 11.28
CA ILE A 106 -11.11 6.34 9.82
C ILE A 106 -9.88 5.61 9.29
N LEU A 107 -10.10 4.60 8.45
CA LEU A 107 -9.03 3.77 7.92
C LEU A 107 -9.04 3.87 6.39
N ASP A 108 -8.06 4.57 5.84
CA ASP A 108 -7.97 4.76 4.40
C ASP A 108 -7.14 3.66 3.76
N GLU A 109 -7.37 3.42 2.47
CA GLU A 109 -6.68 2.41 1.69
C GLU A 109 -6.74 1.03 2.37
N VAL A 110 -7.95 0.66 2.76
CA VAL A 110 -8.15 -0.57 3.55
C VAL A 110 -7.84 -1.81 2.74
N GLY A 111 -7.93 -1.75 1.41
CA GLY A 111 -7.54 -2.88 0.58
C GLY A 111 -6.09 -3.28 0.76
N MET A 112 -5.26 -2.38 1.26
CA MET A 112 -3.86 -2.66 1.53
C MET A 112 -3.60 -3.07 2.97
N VAL A 113 -4.64 -3.12 3.80
CA VAL A 113 -4.49 -3.55 5.19
C VAL A 113 -4.51 -5.07 5.22
N ARG A 114 -3.43 -5.67 5.68
CA ARG A 114 -3.40 -7.12 5.78
C ARG A 114 -4.26 -7.57 6.95
N VAL A 115 -4.77 -8.80 6.85
CA VAL A 115 -5.79 -9.27 7.80
C VAL A 115 -5.31 -9.16 9.24
N ASP A 116 -4.03 -9.48 9.48
CA ASP A 116 -3.52 -9.43 10.85
C ASP A 116 -3.43 -8.00 11.36
N LEU A 117 -3.16 -7.04 10.47
CA LEU A 117 -3.15 -5.64 10.85
C LEU A 117 -4.53 -5.20 11.36
N LEU A 118 -5.58 -5.51 10.58
CA LEU A 118 -6.93 -5.12 10.98
C LEU A 118 -7.34 -5.81 12.27
N GLU A 119 -7.03 -7.10 12.39
CA GLU A 119 -7.37 -7.84 13.61
C GLU A 119 -6.64 -7.27 14.82
N ALA A 120 -5.39 -6.84 14.64
CA ALA A 120 -4.65 -6.24 15.75
C ALA A 120 -5.30 -4.93 16.18
N MET A 121 -5.77 -4.13 15.23
CA MET A 121 -6.52 -2.92 15.57
C MET A 121 -7.73 -3.26 16.43
N ASP A 122 -8.50 -4.27 16.02
CA ASP A 122 -9.67 -4.72 16.79
C ASP A 122 -9.28 -5.07 18.22
N TRP A 123 -8.26 -5.91 18.39
CA TRP A 123 -7.88 -6.35 19.73
C TRP A 123 -7.31 -5.21 20.56
N ALA A 124 -6.44 -4.39 19.97
CA ALA A 124 -5.86 -3.27 20.71
C ALA A 124 -6.94 -2.33 21.23
N LEU A 125 -7.94 -2.04 20.39
CA LEU A 125 -9.04 -1.17 20.82
C LEU A 125 -9.88 -1.82 21.93
N ARG A 126 -10.18 -3.11 21.80
CA ARG A 126 -10.97 -3.80 22.82
C ARG A 126 -10.27 -3.80 24.16
N LYS A 127 -8.98 -4.17 24.18
CA LYS A 127 -8.27 -4.31 25.43
C LYS A 127 -8.05 -2.96 26.10
N THR A 128 -7.61 -1.96 25.33
CA THR A 128 -7.36 -0.65 25.92
C THR A 128 -8.64 -0.04 26.48
N ARG A 129 -9.74 -0.15 25.75
CA ARG A 129 -11.01 0.43 26.18
C ARG A 129 -11.76 -0.48 27.15
N LYS A 130 -11.23 -1.68 27.43
CA LYS A 130 -11.87 -2.64 28.32
C LYS A 130 -13.32 -2.91 27.90
N ARG A 131 -13.53 -3.09 26.60
CA ARG A 131 -14.81 -3.56 26.07
C ARG A 131 -14.46 -4.74 25.17
N LEU A 132 -14.30 -5.91 25.79
CA LEU A 132 -13.79 -7.09 25.11
C LEU A 132 -14.81 -7.74 24.20
N GLU A 133 -16.10 -7.50 24.43
CA GLU A 133 -17.16 -8.16 23.69
C GLU A 133 -17.72 -7.29 22.58
N GLU A 134 -17.12 -6.13 22.32
CA GLU A 134 -17.59 -5.26 21.25
C GLU A 134 -16.51 -5.11 20.19
N PRO A 135 -16.83 -5.34 18.92
CA PRO A 135 -15.83 -5.13 17.84
C PRO A 135 -15.26 -3.72 17.91
N PHE A 136 -13.93 -3.64 17.85
CA PHE A 136 -13.20 -2.38 17.91
C PHE A 136 -13.51 -1.61 19.19
N GLY A 137 -13.88 -2.32 20.26
CA GLY A 137 -14.18 -1.69 21.53
C GLY A 137 -15.28 -0.65 21.45
N GLY A 138 -16.24 -0.81 20.55
CA GLY A 138 -17.32 0.14 20.40
C GLY A 138 -17.00 1.33 19.51
N VAL A 139 -15.78 1.41 18.96
CA VAL A 139 -15.43 2.49 18.06
C VAL A 139 -16.14 2.29 16.72
N LYS A 140 -16.69 3.37 16.18
CA LYS A 140 -17.25 3.35 14.83
C LYS A 140 -16.11 3.37 13.82
N VAL A 141 -16.02 2.32 12.99
CA VAL A 141 -14.95 2.22 12.01
C VAL A 141 -15.50 2.59 10.63
N LEU A 142 -14.82 3.51 9.97
CA LEU A 142 -15.15 3.90 8.60
C LEU A 142 -13.97 3.49 7.72
N LEU A 143 -14.13 2.39 7.00
CA LEU A 143 -13.13 1.93 6.06
C LEU A 143 -13.34 2.60 4.70
N LEU A 144 -12.25 3.04 4.09
CA LEU A 144 -12.28 3.53 2.72
C LEU A 144 -11.15 2.89 1.95
N GLY A 145 -11.41 2.53 0.71
CA GLY A 145 -10.38 1.99 -0.16
C GLY A 145 -10.99 1.32 -1.37
N ASP A 146 -10.12 1.05 -2.33
CA ASP A 146 -10.46 0.21 -3.47
C ASP A 146 -10.17 -1.24 -3.11
N THR A 147 -11.01 -2.14 -3.59
CA THR A 147 -10.83 -3.56 -3.33
C THR A 147 -10.04 -4.26 -4.43
N ARG A 148 -9.55 -3.53 -5.43
CA ARG A 148 -8.83 -4.08 -6.57
C ARG A 148 -7.44 -3.47 -6.59
N GLN A 149 -6.51 -4.11 -5.89
CA GLN A 149 -5.13 -3.64 -5.78
C GLN A 149 -4.21 -4.85 -5.71
N LEU A 150 -2.92 -4.60 -5.52
CA LEU A 150 -1.99 -5.67 -5.22
C LEU A 150 -2.36 -6.30 -3.87
N GLU A 151 -2.17 -7.61 -3.76
CA GLU A 151 -2.50 -8.27 -2.51
C GLU A 151 -1.50 -7.86 -1.43
N PRO A 152 -1.91 -7.95 -0.16
CA PRO A 152 -0.98 -7.60 0.93
C PRO A 152 0.24 -8.51 0.90
N VAL A 153 1.36 -7.98 1.38
CA VAL A 153 2.61 -8.74 1.38
C VAL A 153 2.48 -9.92 2.34
N VAL A 154 2.80 -11.12 1.84
CA VAL A 154 2.84 -12.32 2.67
C VAL A 154 4.14 -13.08 2.38
N PRO A 155 5.16 -12.97 3.23
CA PRO A 155 6.39 -13.71 3.00
C PRO A 155 6.17 -15.21 3.06
N GLY A 156 7.09 -15.95 2.44
CA GLY A 156 7.02 -17.39 2.44
C GLY A 156 7.33 -17.98 3.81
N GLY A 157 7.27 -19.30 3.88
CA GLY A 157 7.63 -20.00 5.09
C GLY A 157 6.48 -20.07 6.09
N GLU A 158 6.85 -20.18 7.38
CA GLU A 158 5.86 -20.38 8.43
C GLU A 158 4.89 -19.22 8.53
N GLU A 159 5.33 -18.00 8.18
CA GLU A 159 4.42 -16.85 8.22
C GLU A 159 3.22 -17.05 7.31
N ALA A 160 3.47 -17.45 6.06
CA ALA A 160 2.36 -17.69 5.15
C ALA A 160 1.44 -18.78 5.69
N LEU A 161 2.03 -19.86 6.20
CA LEU A 161 1.21 -20.95 6.74
C LEU A 161 0.37 -20.48 7.92
N TYR A 162 0.94 -19.64 8.77
CA TYR A 162 0.17 -19.11 9.90
C TYR A 162 -1.04 -18.32 9.42
N ILE A 163 -0.83 -17.43 8.44
CA ILE A 163 -1.93 -16.61 7.93
C ILE A 163 -2.98 -17.47 7.26
N ALA A 164 -2.56 -18.48 6.50
CA ALA A 164 -3.51 -19.39 5.87
C ALA A 164 -4.31 -20.15 6.92
N ARG A 165 -3.61 -20.68 7.93
CA ARG A 165 -4.27 -21.44 8.99
C ARG A 165 -5.23 -20.56 9.78
N THR A 166 -4.82 -19.33 10.09
CA THR A 166 -5.58 -18.50 11.01
C THR A 166 -6.75 -17.80 10.32
N TRP A 167 -6.54 -17.29 9.11
CA TRP A 167 -7.56 -16.50 8.43
C TRP A 167 -7.95 -17.02 7.06
N GLY A 168 -7.23 -17.98 6.49
CA GLY A 168 -7.52 -18.47 5.16
C GLY A 168 -7.04 -17.58 4.04
N GLY A 169 -6.38 -16.46 4.37
CA GLY A 169 -5.91 -15.53 3.36
C GLY A 169 -5.51 -14.20 3.97
N PRO A 170 -4.96 -13.31 3.14
CA PRO A 170 -4.38 -12.07 3.65
C PRO A 170 -5.29 -10.84 3.64
N PHE A 171 -6.50 -10.94 3.08
CA PHE A 171 -7.29 -9.74 2.81
C PHE A 171 -8.04 -9.27 4.05
N PHE A 172 -8.36 -7.97 4.07
CA PHE A 172 -8.99 -7.39 5.26
C PHE A 172 -10.37 -7.98 5.52
N PHE A 173 -11.06 -8.46 4.48
CA PHE A 173 -12.39 -9.02 4.69
C PHE A 173 -12.36 -10.44 5.23
N GLN A 174 -11.18 -11.05 5.36
CA GLN A 174 -11.05 -12.37 5.97
C GLN A 174 -10.78 -12.28 7.47
N ALA A 175 -10.80 -11.08 8.04
CA ALA A 175 -10.64 -10.92 9.48
C ALA A 175 -11.87 -11.48 10.22
N HIS A 176 -11.62 -12.06 11.40
CA HIS A 176 -12.70 -12.66 12.16
C HIS A 176 -13.62 -11.64 12.79
N VAL A 177 -13.18 -10.38 12.92
CA VAL A 177 -14.02 -9.37 13.56
C VAL A 177 -15.33 -9.19 12.78
N TRP A 178 -15.30 -9.42 11.47
CA TRP A 178 -16.50 -9.25 10.66
C TRP A 178 -17.57 -10.29 10.96
N GLU A 179 -17.21 -11.37 11.67
CA GLU A 179 -18.21 -12.33 12.13
C GLU A 179 -19.06 -11.80 13.26
N GLU A 180 -18.68 -10.68 13.89
CA GLU A 180 -19.43 -10.13 15.00
C GLU A 180 -20.05 -8.77 14.71
N VAL A 181 -19.80 -8.16 13.55
CA VAL A 181 -20.42 -6.90 13.18
C VAL A 181 -20.66 -6.92 11.68
N ALA A 182 -21.80 -6.39 11.25
CA ALA A 182 -22.09 -6.29 9.83
C ALA A 182 -21.40 -5.05 9.26
N LEU A 183 -20.81 -5.22 8.09
CA LEU A 183 -20.14 -4.14 7.37
C LEU A 183 -21.10 -3.54 6.37
N ARG A 184 -21.55 -2.31 6.64
CA ARG A 184 -22.37 -1.60 5.66
C ARG A 184 -21.47 -1.10 4.54
N VAL A 185 -21.88 -1.30 3.29
CA VAL A 185 -21.06 -1.00 2.14
C VAL A 185 -21.71 0.13 1.36
N HIS A 186 -20.89 1.10 0.95
CA HIS A 186 -21.33 2.23 0.13
C HIS A 186 -20.36 2.36 -1.03
N ARG A 187 -20.87 2.25 -2.25
CA ARG A 187 -20.03 2.29 -3.44
C ARG A 187 -20.06 3.68 -4.07
N LEU A 188 -18.91 4.09 -4.58
CA LEU A 188 -18.78 5.27 -5.42
C LEU A 188 -18.42 4.81 -6.82
N TRP A 189 -19.18 5.29 -7.81
CA TRP A 189 -19.02 4.87 -9.20
C TRP A 189 -18.45 5.95 -10.09
N GLU A 190 -18.82 7.21 -9.86
CA GLU A 190 -18.43 8.30 -10.73
C GLU A 190 -16.97 8.67 -10.46
N SER A 191 -16.12 8.53 -11.48
CA SER A 191 -14.69 8.76 -11.35
C SER A 191 -14.24 9.92 -12.22
N GLN A 192 -13.14 10.54 -11.80
CA GLN A 192 -12.46 11.53 -12.64
C GLN A 192 -12.19 10.97 -14.04
N ARG A 193 -11.69 9.74 -14.11
CA ARG A 193 -11.32 9.15 -15.39
C ARG A 193 -12.52 9.03 -16.32
N GLN A 194 -13.72 8.79 -15.78
CA GLN A 194 -14.90 8.74 -16.64
C GLN A 194 -15.13 10.06 -17.35
N ARG A 195 -14.76 11.17 -16.72
CA ARG A 195 -14.86 12.47 -17.38
C ARG A 195 -13.65 12.75 -18.28
N GLU A 196 -12.45 12.35 -17.84
CA GLU A 196 -11.25 12.76 -18.54
C GLU A 196 -10.89 11.85 -19.72
N ASP A 197 -11.13 10.55 -19.61
CA ASP A 197 -10.90 9.62 -20.73
C ASP A 197 -11.87 8.44 -20.59
N PRO A 198 -13.11 8.62 -21.06
CA PRO A 198 -14.11 7.54 -20.90
C PRO A 198 -13.72 6.24 -21.55
N LEU A 199 -12.97 6.29 -22.66
CA LEU A 199 -12.54 5.05 -23.27
C LEU A 199 -11.62 4.28 -22.34
N PHE A 200 -10.66 4.98 -21.74
CA PHE A 200 -9.81 4.36 -20.72
C PHE A 200 -10.64 3.80 -19.57
N ALA A 201 -11.61 4.58 -19.08
CA ALA A 201 -12.40 4.14 -17.94
C ALA A 201 -13.25 2.92 -18.30
N GLU A 202 -13.77 2.87 -19.52
CA GLU A 202 -14.55 1.70 -19.94
C GLU A 202 -13.66 0.46 -20.05
N LEU A 203 -12.46 0.61 -20.63
CA LEU A 203 -11.53 -0.52 -20.74
C LEU A 203 -11.15 -1.04 -19.36
N LEU A 204 -10.82 -0.12 -18.44
CA LEU A 204 -10.40 -0.55 -17.11
C LEU A 204 -11.51 -1.25 -16.37
N LYS A 205 -12.75 -0.78 -16.54
CA LYS A 205 -13.89 -1.43 -15.88
C LYS A 205 -14.01 -2.88 -16.33
N ARG A 206 -13.86 -3.13 -17.63
CA ARG A 206 -13.90 -4.52 -18.12
C ARG A 206 -12.74 -5.34 -17.57
N LEU A 207 -11.56 -4.73 -17.45
CA LEU A 207 -10.42 -5.45 -16.87
C LEU A 207 -10.62 -5.71 -15.38
N ARG A 208 -11.27 -4.79 -14.67
CA ARG A 208 -11.68 -5.07 -13.30
C ARG A 208 -12.57 -6.30 -13.23
N GLN A 209 -13.46 -6.46 -14.21
CA GLN A 209 -14.37 -7.60 -14.30
C GLN A 209 -13.69 -8.85 -14.85
N GLY A 210 -12.38 -8.83 -15.04
CA GLY A 210 -11.67 -9.98 -15.57
C GLY A 210 -11.95 -10.29 -17.02
N ASP A 211 -12.43 -9.33 -17.80
CA ASP A 211 -12.79 -9.57 -19.19
C ASP A 211 -11.57 -9.32 -20.07
N PRO A 212 -10.97 -10.36 -20.67
CA PRO A 212 -9.81 -10.15 -21.53
C PRO A 212 -10.13 -9.49 -22.85
N GLN A 213 -11.42 -9.43 -23.22
CA GLN A 213 -11.83 -8.73 -24.45
C GLN A 213 -11.26 -7.32 -24.50
N ALA A 214 -11.23 -6.63 -23.36
CA ALA A 214 -10.75 -5.25 -23.33
C ALA A 214 -9.30 -5.12 -23.75
N LEU A 215 -8.52 -6.20 -23.68
CA LEU A 215 -7.09 -6.10 -23.99
C LEU A 215 -6.85 -5.73 -25.44
N GLU A 216 -7.73 -6.15 -26.35
CA GLU A 216 -7.51 -5.88 -27.77
C GLU A 216 -7.44 -4.37 -28.04
N THR A 217 -8.42 -3.63 -27.53
CA THR A 217 -8.42 -2.18 -27.75
C THR A 217 -7.26 -1.51 -27.00
N LEU A 218 -6.99 -1.95 -25.76
CA LEU A 218 -5.85 -1.42 -25.02
C LEU A 218 -4.55 -1.63 -25.78
N ASN A 219 -4.34 -2.85 -26.28
CA ASN A 219 -3.13 -3.14 -27.05
C ASN A 219 -3.07 -2.30 -28.33
N ARG A 220 -4.20 -2.15 -29.02
CA ARG A 220 -4.22 -1.34 -30.23
C ARG A 220 -3.81 0.11 -29.93
N ALA A 221 -4.23 0.62 -28.77
CA ALA A 221 -3.98 2.03 -28.46
C ALA A 221 -2.56 2.24 -27.94
N ALA A 222 -2.05 1.31 -27.11
CA ALA A 222 -0.92 1.62 -26.24
C ALA A 222 0.39 0.96 -26.64
N VAL A 223 0.38 -0.07 -27.48
CA VAL A 223 1.63 -0.77 -27.81
C VAL A 223 2.48 0.15 -28.69
N ARG A 224 3.61 0.62 -28.16
CA ARG A 224 4.66 1.21 -28.98
C ARG A 224 6.00 1.00 -28.29
N PRO A 225 6.84 0.11 -28.83
CA PRO A 225 8.07 -0.27 -28.11
C PRO A 225 9.01 0.89 -27.82
N ASP A 226 9.01 1.94 -28.63
CA ASP A 226 9.89 3.07 -28.39
C ASP A 226 9.34 4.07 -27.37
N GLY A 227 8.24 3.74 -26.68
CA GLY A 227 7.65 4.67 -25.75
C GLY A 227 8.54 4.99 -24.55
N GLY A 228 9.44 4.08 -24.19
CA GLY A 228 10.33 4.30 -23.07
C GLY A 228 11.42 5.32 -23.33
N GLU A 229 11.70 5.59 -24.60
CA GLU A 229 12.76 6.54 -24.98
C GLU A 229 12.30 7.99 -24.95
N GLU A 230 11.07 8.25 -24.54
CA GLU A 230 10.59 9.63 -24.58
C GLU A 230 10.82 10.32 -23.24
N PRO A 231 11.04 11.63 -23.26
CA PRO A 231 11.32 12.34 -22.01
C PRO A 231 10.13 12.29 -21.06
N GLY A 232 10.43 12.46 -19.77
CA GLY A 232 9.40 12.46 -18.75
C GLY A 232 8.66 11.15 -18.62
N THR A 233 9.30 10.03 -18.99
CA THR A 233 8.66 8.72 -18.98
C THR A 233 9.32 7.85 -17.92
N LEU A 234 8.55 7.48 -16.90
CA LEU A 234 8.98 6.46 -15.96
C LEU A 234 8.70 5.08 -16.53
N ILE A 235 9.66 4.17 -16.38
CA ILE A 235 9.53 2.83 -16.93
C ILE A 235 9.19 1.87 -15.80
N LEU A 236 8.12 1.09 -16.00
CA LEU A 236 7.69 0.07 -15.05
C LEU A 236 8.06 -1.31 -15.58
N THR A 237 8.51 -2.18 -14.69
CA THR A 237 8.81 -3.56 -15.02
C THR A 237 8.15 -4.48 -14.01
N PRO A 238 7.80 -5.70 -14.40
CA PRO A 238 7.31 -6.65 -13.40
C PRO A 238 8.38 -7.11 -12.43
N ARG A 239 9.64 -7.21 -12.85
CA ARG A 239 10.68 -7.81 -12.04
C ARG A 239 11.83 -6.83 -11.79
N ARG A 240 12.56 -7.09 -10.70
CA ARG A 240 13.60 -6.19 -10.23
C ARG A 240 14.80 -6.13 -11.16
N LYS A 241 15.20 -7.28 -11.73
CA LYS A 241 16.42 -7.35 -12.52
C LYS A 241 16.36 -6.40 -13.71
N GLU A 242 15.23 -6.33 -14.40
CA GLU A 242 15.13 -5.48 -15.57
C GLU A 242 15.12 -4.00 -15.21
N ALA A 243 14.44 -3.64 -14.11
CA ALA A 243 14.48 -2.26 -13.64
C ALA A 243 15.90 -1.88 -13.23
N ASP A 244 16.62 -2.77 -12.56
CA ASP A 244 18.00 -2.49 -12.19
C ASP A 244 18.85 -2.19 -13.42
N ALA A 245 18.69 -2.98 -14.48
CA ALA A 245 19.48 -2.77 -15.69
C ALA A 245 19.15 -1.43 -16.34
N LEU A 246 17.86 -1.08 -16.38
CA LEU A 246 17.45 0.23 -16.85
C LEU A 246 18.12 1.34 -16.05
N ASN A 247 18.02 1.26 -14.72
CA ASN A 247 18.61 2.27 -13.85
C ASN A 247 20.12 2.33 -14.02
N LEU A 248 20.77 1.18 -14.18
CA LEU A 248 22.22 1.16 -14.34
C LEU A 248 22.64 1.89 -15.62
N LYS A 249 21.88 1.68 -16.71
CA LYS A 249 22.19 2.36 -17.97
C LYS A 249 22.06 3.87 -17.80
N ARG A 250 20.95 4.33 -17.21
CA ARG A 250 20.75 5.75 -16.99
C ARG A 250 21.84 6.34 -16.08
N LEU A 251 22.17 5.63 -15.01
CA LEU A 251 23.21 6.11 -14.09
C LEU A 251 24.54 6.27 -14.81
N GLU A 252 24.92 5.28 -15.62
CA GLU A 252 26.19 5.35 -16.32
C GLU A 252 26.22 6.46 -17.37
N ALA A 253 25.08 6.76 -17.99
CA ALA A 253 25.04 7.85 -18.96
C ALA A 253 25.00 9.22 -18.29
N LEU A 254 24.66 9.28 -17.02
CA LEU A 254 24.55 10.55 -16.33
C LEU A 254 25.96 11.07 -16.05
N PRO A 255 26.34 12.22 -16.60
CA PRO A 255 27.66 12.76 -16.28
C PRO A 255 27.73 13.15 -14.81
N GLY A 256 28.94 13.13 -14.28
CA GLY A 256 29.18 13.39 -12.87
C GLY A 256 29.91 12.25 -12.20
N LYS A 257 30.44 12.56 -10.99
CA LYS A 257 31.28 11.61 -10.27
C LYS A 257 30.43 10.71 -9.40
N PRO A 258 30.66 9.39 -9.43
CA PRO A 258 29.85 8.47 -8.62
C PRO A 258 30.39 8.30 -7.21
N LEU A 259 29.48 7.97 -6.31
CA LEU A 259 29.80 7.62 -4.93
C LEU A 259 29.06 6.33 -4.58
N GLU A 260 29.77 5.40 -3.94
CA GLU A 260 29.22 4.09 -3.63
C GLU A 260 28.93 4.00 -2.15
N TYR A 261 27.73 3.54 -1.82
CA TYR A 261 27.30 3.32 -0.43
C TYR A 261 27.30 1.81 -0.18
N GLN A 262 28.10 1.39 0.80
CA GLN A 262 28.27 -0.02 1.11
C GLN A 262 27.43 -0.37 2.32
N ALA A 263 26.50 -1.30 2.15
CA ALA A 263 25.69 -1.76 3.27
C ALA A 263 26.55 -2.52 4.27
N GLN A 264 26.14 -2.46 5.53
CA GLN A 264 26.70 -3.30 6.58
C GLN A 264 25.70 -4.41 6.88
N VAL A 265 26.12 -5.65 6.75
CA VAL A 265 25.26 -6.82 6.98
C VAL A 265 25.78 -7.59 8.18
N LYS A 266 24.87 -7.99 9.07
CA LYS A 266 25.20 -8.78 10.24
C LYS A 266 24.32 -10.03 10.28
N GLY A 267 24.86 -11.10 10.83
CA GLY A 267 24.10 -12.33 10.98
C GLY A 267 23.68 -12.91 9.64
N GLU A 268 22.49 -13.51 9.62
CA GLU A 268 21.98 -14.18 8.43
C GLU A 268 21.04 -13.24 7.69
N PHE A 269 21.46 -12.80 6.50
CA PHE A 269 20.63 -11.92 5.67
C PHE A 269 20.98 -12.22 4.22
N ALA A 270 20.15 -13.03 3.56
CA ALA A 270 20.39 -13.35 2.15
C ALA A 270 20.19 -12.11 1.29
N GLU A 271 20.99 -11.99 0.24
CA GLU A 271 20.95 -10.77 -0.57
C GLU A 271 19.70 -10.70 -1.43
N THR A 272 18.99 -11.80 -1.63
CA THR A 272 17.68 -11.74 -2.27
C THR A 272 16.66 -10.97 -1.44
N ASP A 273 16.86 -10.91 -0.12
CA ASP A 273 15.95 -10.19 0.78
C ASP A 273 16.38 -8.75 1.03
N PHE A 274 17.53 -8.33 0.49
CA PHE A 274 17.99 -6.96 0.69
C PHE A 274 16.94 -5.96 0.20
N PRO A 275 16.59 -4.95 1.00
CA PRO A 275 15.58 -3.98 0.54
C PRO A 275 16.11 -3.04 -0.53
N THR A 276 17.43 -2.91 -0.65
CA THR A 276 18.06 -2.18 -1.73
C THR A 276 19.44 -2.78 -1.96
N GLU A 277 20.20 -2.20 -2.88
CA GLU A 277 21.48 -2.78 -3.27
C GLU A 277 22.50 -2.66 -2.13
N ALA A 278 23.27 -3.74 -1.94
CA ALA A 278 24.36 -3.71 -0.97
C ALA A 278 25.46 -2.75 -1.40
N ALA A 279 25.76 -2.72 -2.69
CA ALA A 279 26.72 -1.77 -3.26
C ALA A 279 25.90 -0.79 -4.09
N LEU A 280 25.50 0.32 -3.47
CA LEU A 280 24.61 1.30 -4.07
C LEU A 280 25.44 2.48 -4.57
N THR A 281 25.57 2.61 -5.88
CA THR A 281 26.29 3.72 -6.49
C THR A 281 25.30 4.80 -6.90
N LEU A 282 25.61 6.05 -6.56
CA LEU A 282 24.75 7.19 -6.85
C LEU A 282 25.57 8.30 -7.50
N LYS A 283 24.88 9.16 -8.23
CA LYS A 283 25.48 10.38 -8.76
C LYS A 283 24.55 11.53 -8.46
N LYS A 284 25.12 12.73 -8.43
CA LYS A 284 24.30 13.92 -8.25
C LYS A 284 23.32 14.04 -9.42
N GLY A 285 22.06 14.31 -9.10
CA GLY A 285 21.02 14.42 -10.09
C GLY A 285 20.33 13.12 -10.44
N ALA A 286 20.72 12.01 -9.82
CA ALA A 286 20.10 10.74 -10.13
C ALA A 286 18.68 10.69 -9.58
N GLN A 287 17.77 10.09 -10.35
CA GLN A 287 16.40 9.91 -9.91
C GLN A 287 16.33 8.73 -8.95
N VAL A 288 15.86 8.99 -7.72
CA VAL A 288 15.83 7.97 -6.68
C VAL A 288 14.42 7.94 -6.08
N ILE A 289 14.19 6.90 -5.29
CA ILE A 289 12.98 6.75 -4.51
C ILE A 289 13.40 6.40 -3.08
N LEU A 290 12.81 7.07 -2.10
CA LEU A 290 13.16 6.81 -0.71
C LEU A 290 12.42 5.57 -0.21
N LEU A 291 13.04 4.86 0.73
CA LEU A 291 12.62 3.52 1.09
C LEU A 291 12.14 3.36 2.53
N ARG A 292 12.15 4.43 3.32
CA ARG A 292 11.69 4.38 4.69
C ARG A 292 10.87 5.62 4.99
N ASN A 293 10.00 5.52 5.99
CA ASN A 293 9.24 6.67 6.46
C ASN A 293 10.05 7.45 7.47
N ASP A 294 10.17 8.75 7.25
CA ASP A 294 10.80 9.63 8.23
C ASP A 294 9.99 9.63 9.52
N PRO A 295 10.57 9.24 10.65
CA PRO A 295 9.87 9.44 11.93
C PRO A 295 9.41 10.87 12.16
N LEU A 296 10.08 11.84 11.55
CA LEU A 296 9.71 13.25 11.67
C LEU A 296 8.83 13.74 10.53
N GLY A 297 8.31 12.83 9.71
CA GLY A 297 7.29 13.15 8.73
C GLY A 297 7.71 13.99 7.54
N GLU A 298 9.01 14.15 7.30
CA GLU A 298 9.46 14.95 6.16
C GLU A 298 9.58 14.16 4.87
N TYR A 299 9.63 12.83 4.93
CA TYR A 299 9.65 12.02 3.72
C TYR A 299 9.06 10.65 4.04
N PHE A 300 8.74 9.92 2.98
CA PHE A 300 8.04 8.66 3.11
C PHE A 300 8.63 7.63 2.16
N ASN A 301 8.43 6.37 2.53
CA ASN A 301 8.75 5.27 1.63
C ASN A 301 7.88 5.39 0.39
N GLY A 302 8.52 5.62 -0.76
CA GLY A 302 7.81 5.88 -2.00
C GLY A 302 7.99 7.29 -2.54
N ASP A 303 8.59 8.19 -1.76
CA ASP A 303 8.87 9.55 -2.21
C ASP A 303 9.91 9.52 -3.33
N LEU A 304 9.56 10.07 -4.48
CA LEU A 304 10.51 10.24 -5.57
C LEU A 304 11.32 11.53 -5.36
N GLY A 305 12.55 11.53 -5.86
CA GLY A 305 13.38 12.71 -5.73
C GLY A 305 14.64 12.60 -6.54
N TRP A 306 15.50 13.60 -6.38
CA TRP A 306 16.77 13.70 -7.08
C TRP A 306 17.90 13.91 -6.08
N VAL A 307 19.01 13.23 -6.32
CA VAL A 307 20.18 13.36 -5.45
C VAL A 307 20.78 14.75 -5.61
N GLU A 308 20.97 15.45 -4.49
CA GLU A 308 21.53 16.79 -4.47
C GLU A 308 22.95 16.85 -3.91
N ASP A 309 23.23 16.07 -2.86
CA ASP A 309 24.56 16.02 -2.26
C ASP A 309 24.85 14.57 -1.87
N LEU A 310 26.11 14.16 -2.04
CA LEU A 310 26.56 12.81 -1.74
C LEU A 310 27.78 12.89 -0.84
N GLU A 311 27.68 12.36 0.37
CA GLU A 311 28.80 12.37 1.30
C GLU A 311 28.84 11.04 2.05
N ALA A 312 29.85 10.88 2.88
CA ALA A 312 30.02 9.65 3.66
C ALA A 312 28.83 9.41 4.57
N GLU A 313 28.09 8.32 4.30
CA GLU A 313 26.95 7.90 5.10
C GLU A 313 25.87 8.97 5.22
N ALA A 314 25.80 9.89 4.26
CA ALA A 314 24.81 10.96 4.33
C ALA A 314 24.65 11.58 2.95
N LEU A 315 23.40 11.80 2.53
CA LEU A 315 23.13 12.42 1.25
C LEU A 315 21.92 13.33 1.38
N ALA A 316 21.80 14.25 0.44
CA ALA A 316 20.66 15.16 0.36
C ALA A 316 19.83 14.83 -0.87
N VAL A 317 18.51 14.79 -0.70
CA VAL A 317 17.58 14.48 -1.78
C VAL A 317 16.60 15.64 -1.90
N ARG A 318 16.39 16.09 -3.13
CA ARG A 318 15.35 17.08 -3.44
C ARG A 318 14.08 16.32 -3.82
N LEU A 319 13.02 16.51 -3.02
CA LEU A 319 11.80 15.72 -3.22
C LEU A 319 10.94 16.29 -4.34
N LYS A 320 10.42 15.39 -5.18
CA LYS A 320 9.49 15.79 -6.22
C LYS A 320 8.17 16.27 -5.63
N ARG A 321 7.74 15.67 -4.52
CA ARG A 321 6.40 15.90 -3.99
C ARG A 321 6.19 17.34 -3.54
N ASN A 322 7.19 17.94 -2.90
CA ASN A 322 7.05 19.28 -2.34
C ASN A 322 8.24 20.18 -2.63
N GLY A 323 9.20 19.73 -3.43
CA GLY A 323 10.38 20.54 -3.72
C GLY A 323 11.30 20.78 -2.54
N ARG A 324 11.13 20.04 -1.44
CA ARG A 324 11.94 20.28 -0.26
C ARG A 324 13.15 19.35 -0.22
N ARG A 325 14.15 19.77 0.55
CA ARG A 325 15.41 19.04 0.68
C ARG A 325 15.38 18.24 1.97
N VAL A 326 15.74 16.94 1.88
CA VAL A 326 15.85 16.09 3.05
C VAL A 326 17.24 15.46 3.08
N VAL A 327 17.75 15.24 4.29
CA VAL A 327 19.06 14.63 4.49
C VAL A 327 18.83 13.19 4.91
N ILE A 328 19.44 12.26 4.18
CA ILE A 328 19.20 10.83 4.35
C ILE A 328 20.45 10.21 4.97
N ARG A 329 20.24 9.36 5.97
CA ARG A 329 21.28 8.60 6.64
C ARG A 329 20.86 7.12 6.68
N PRO A 330 21.80 6.21 6.97
CA PRO A 330 21.45 4.78 6.89
C PRO A 330 20.35 4.39 7.86
N PHE A 331 19.54 3.43 7.41
CA PHE A 331 18.54 2.75 8.24
C PHE A 331 18.92 1.28 8.36
N VAL A 332 18.36 0.62 9.37
CA VAL A 332 18.61 -0.81 9.60
C VAL A 332 17.32 -1.56 9.36
N TRP A 333 17.39 -2.60 8.53
CA TRP A 333 16.30 -3.55 8.35
C TRP A 333 16.67 -4.86 9.03
N GLU A 334 15.66 -5.54 9.57
CA GLU A 334 15.87 -6.80 10.27
C GLU A 334 15.36 -7.95 9.42
N LYS A 335 16.07 -9.08 9.47
CA LYS A 335 15.59 -10.31 8.87
C LYS A 335 14.98 -11.15 9.98
N ILE A 336 13.71 -11.51 9.83
CA ILE A 336 12.98 -12.28 10.83
C ILE A 336 12.70 -13.67 10.27
N VAL A 337 12.93 -14.68 11.10
CA VAL A 337 12.64 -16.08 10.77
C VAL A 337 11.67 -16.60 11.82
N TYR A 338 10.64 -17.31 11.39
CA TYR A 338 9.69 -17.93 12.29
C TYR A 338 9.99 -19.43 12.37
N THR A 339 10.23 -19.92 13.59
CA THR A 339 10.48 -21.33 13.80
C THR A 339 9.21 -22.01 14.30
N TYR A 340 8.94 -23.19 13.77
CA TYR A 340 7.80 -23.98 14.19
C TYR A 340 8.19 -24.81 15.41
N ASP A 341 7.32 -24.83 16.42
CA ASP A 341 7.59 -25.54 17.67
C ASP A 341 7.33 -27.03 17.53
N SER A 342 6.39 -27.41 16.65
CA SER A 342 6.01 -28.77 16.32
C SER A 342 5.32 -29.53 17.44
N GLU A 343 5.03 -28.91 18.59
CA GLU A 343 4.21 -29.62 19.57
C GLU A 343 2.97 -28.87 20.02
N ARG A 344 3.04 -27.56 20.24
CA ARG A 344 1.86 -26.71 20.26
C ARG A 344 1.79 -25.96 18.91
N GLU A 345 0.85 -25.03 18.75
CA GLU A 345 0.76 -24.29 17.48
C GLU A 345 2.02 -23.45 17.21
N GLU A 346 2.29 -22.45 18.06
CA GLU A 346 3.63 -22.01 18.47
C GLU A 346 4.64 -21.85 17.32
N ILE A 347 4.39 -20.89 16.44
CA ILE A 347 5.53 -20.26 15.77
C ILE A 347 5.91 -19.01 16.55
N LYS A 348 7.19 -18.62 16.44
CA LYS A 348 7.69 -17.46 17.19
C LYS A 348 8.76 -16.78 16.35
N PRO A 349 8.79 -15.45 16.34
CA PRO A 349 9.81 -14.75 15.53
C PRO A 349 11.16 -14.66 16.22
N GLN A 350 12.20 -14.68 15.39
CA GLN A 350 13.57 -14.40 15.83
C GLN A 350 14.24 -13.56 14.76
N VAL A 351 14.89 -12.47 15.18
CA VAL A 351 15.73 -11.70 14.27
C VAL A 351 17.05 -12.43 14.12
N VAL A 352 17.41 -12.77 12.88
CA VAL A 352 18.63 -13.50 12.60
C VAL A 352 19.67 -12.67 11.86
N GLY A 353 19.30 -11.51 11.33
CA GLY A 353 20.25 -10.68 10.60
C GLY A 353 19.78 -9.25 10.54
N THR A 354 20.72 -8.36 10.21
CA THR A 354 20.41 -6.96 10.02
C THR A 354 21.10 -6.45 8.76
N PHE A 355 20.47 -5.46 8.12
CA PHE A 355 20.96 -4.85 6.89
C PHE A 355 20.90 -3.34 7.09
N ARG A 356 22.05 -2.69 7.02
CA ARG A 356 22.14 -1.25 7.27
C ARG A 356 22.64 -0.55 6.01
N GLN A 357 21.84 0.39 5.51
CA GLN A 357 22.11 1.03 4.22
C GLN A 357 21.27 2.29 4.12
N VAL A 358 21.74 3.24 3.31
CA VAL A 358 20.89 4.42 3.10
C VAL A 358 19.60 3.97 2.40
N PRO A 359 18.43 4.45 2.84
CA PRO A 359 17.16 3.95 2.27
C PRO A 359 16.85 4.57 0.92
N VAL A 360 17.67 4.23 -0.06
CA VAL A 360 17.62 4.85 -1.39
C VAL A 360 17.70 3.76 -2.43
N ARG A 361 16.90 3.90 -3.49
CA ARG A 361 16.94 3.05 -4.66
C ARG A 361 16.81 3.93 -5.89
N LEU A 362 17.49 3.55 -6.97
CA LEU A 362 17.35 4.31 -8.22
C LEU A 362 15.94 4.16 -8.77
N ALA A 363 15.47 5.22 -9.46
CA ALA A 363 14.05 5.23 -9.79
C ALA A 363 13.72 5.74 -11.18
N TRP A 364 14.66 5.71 -12.15
CA TRP A 364 14.25 5.90 -13.54
C TRP A 364 13.33 4.77 -13.98
N ALA A 365 13.60 3.57 -13.49
CA ALA A 365 12.73 2.41 -13.65
C ALA A 365 12.33 1.90 -12.27
N LEU A 366 11.08 1.48 -12.15
CA LEU A 366 10.59 0.87 -10.93
C LEU A 366 9.80 -0.38 -11.29
N THR A 367 9.69 -1.28 -10.31
CA THR A 367 8.75 -2.37 -10.48
C THR A 367 7.33 -1.86 -10.32
N VAL A 368 6.37 -2.62 -10.86
CA VAL A 368 4.97 -2.26 -10.68
C VAL A 368 4.61 -2.28 -9.20
N HIS A 369 5.10 -3.29 -8.47
CA HIS A 369 4.85 -3.37 -7.04
C HIS A 369 5.33 -2.11 -6.31
N LYS A 370 6.53 -1.62 -6.67
CA LYS A 370 7.05 -0.44 -5.99
C LYS A 370 6.32 0.83 -6.41
N ALA A 371 5.79 0.86 -7.63
CA ALA A 371 5.08 2.03 -8.12
C ALA A 371 3.62 2.08 -7.71
N GLN A 372 3.08 1.01 -7.11
CA GLN A 372 1.76 1.07 -6.52
C GLN A 372 1.66 2.25 -5.54
N GLY A 373 0.63 3.07 -5.71
CA GLY A 373 0.46 4.22 -4.86
C GLY A 373 1.08 5.50 -5.37
N LEU A 374 1.87 5.44 -6.45
CA LEU A 374 2.30 6.64 -7.13
C LEU A 374 1.35 6.97 -8.27
N THR A 375 1.20 8.25 -8.54
CA THR A 375 0.52 8.74 -9.73
C THR A 375 1.55 9.43 -10.61
N LEU A 376 1.66 8.98 -11.86
CA LEU A 376 2.71 9.42 -12.76
C LEU A 376 2.13 10.10 -13.98
N ASP A 377 2.92 11.00 -14.58
CA ASP A 377 2.46 11.73 -15.75
C ASP A 377 2.54 10.88 -17.02
N LYS A 378 3.56 10.02 -17.12
CA LYS A 378 3.76 9.21 -18.31
C LYS A 378 4.54 7.97 -17.92
N VAL A 379 4.03 6.80 -18.29
CA VAL A 379 4.68 5.54 -17.95
C VAL A 379 4.83 4.71 -19.21
N HIS A 380 5.88 3.90 -19.24
CA HIS A 380 6.09 2.88 -20.25
C HIS A 380 6.24 1.55 -19.53
N LEU A 381 5.48 0.55 -19.97
CA LEU A 381 5.50 -0.77 -19.34
C LEU A 381 6.39 -1.70 -20.16
N GLU A 382 7.59 -1.95 -19.65
CA GLU A 382 8.51 -2.92 -20.24
C GLU A 382 8.16 -4.28 -19.64
N LEU A 383 7.42 -5.09 -20.41
CA LEU A 383 6.77 -6.27 -19.86
C LEU A 383 7.71 -7.43 -19.57
N GLY A 384 8.87 -7.47 -20.25
CA GLY A 384 9.86 -8.49 -19.96
C GLY A 384 9.29 -9.89 -20.11
N ARG A 385 9.47 -10.71 -19.07
CA ARG A 385 8.92 -12.05 -19.05
C ARG A 385 7.45 -12.09 -18.68
N GLY A 386 6.87 -10.95 -18.31
CA GLY A 386 5.43 -10.87 -18.16
C GLY A 386 4.94 -10.58 -16.77
N LEU A 387 3.72 -10.08 -16.66
CA LEU A 387 3.09 -9.81 -15.38
C LEU A 387 2.65 -11.13 -14.74
N PHE A 388 2.74 -11.21 -13.42
CA PHE A 388 2.58 -12.48 -12.71
C PHE A 388 1.66 -12.45 -11.50
N ALA A 389 1.19 -11.27 -11.07
CA ALA A 389 0.49 -11.16 -9.80
C ALA A 389 -0.94 -10.65 -9.96
N HIS A 390 -1.79 -11.06 -9.03
CA HIS A 390 -3.12 -10.49 -8.87
C HIS A 390 -3.05 -8.97 -8.88
N GLY A 391 -3.88 -8.36 -9.73
CA GLY A 391 -3.99 -6.91 -9.80
C GLY A 391 -2.81 -6.20 -10.43
N GLN A 392 -1.76 -6.91 -10.84
CA GLN A 392 -0.54 -6.24 -11.28
C GLN A 392 -0.76 -5.45 -12.56
N LEU A 393 -1.48 -6.03 -13.52
CA LEU A 393 -1.79 -5.29 -14.74
C LEU A 393 -2.64 -4.07 -14.44
N TYR A 394 -3.66 -4.23 -13.61
CA TYR A 394 -4.58 -3.13 -13.34
C TYR A 394 -3.87 -1.99 -12.62
N VAL A 395 -2.96 -2.31 -11.69
CA VAL A 395 -2.24 -1.28 -10.96
C VAL A 395 -1.25 -0.57 -11.88
N ALA A 396 -0.59 -1.32 -12.77
CA ALA A 396 0.32 -0.69 -13.73
C ALA A 396 -0.43 0.29 -14.62
N LEU A 397 -1.61 -0.11 -15.13
CA LEU A 397 -2.36 0.76 -16.03
C LEU A 397 -2.82 2.02 -15.35
N THR A 398 -3.20 1.93 -14.07
CA THR A 398 -3.84 3.04 -13.37
C THR A 398 -2.84 3.99 -12.74
N ARG A 399 -1.55 3.88 -13.08
CA ARG A 399 -0.58 4.88 -12.62
C ARG A 399 -0.68 6.18 -13.39
N VAL A 400 -1.41 6.20 -14.50
CA VAL A 400 -1.56 7.41 -15.30
C VAL A 400 -3.04 7.76 -15.38
N ARG A 401 -3.30 9.02 -15.73
CA ARG A 401 -4.67 9.51 -15.79
C ARG A 401 -5.35 9.20 -17.12
N ARG A 402 -4.60 9.24 -18.21
CA ARG A 402 -5.17 9.05 -19.55
C ARG A 402 -4.45 7.92 -20.27
N LEU A 403 -5.19 7.24 -21.14
CA LEU A 403 -4.61 6.17 -21.94
C LEU A 403 -3.43 6.66 -22.79
N GLN A 404 -3.45 7.93 -23.21
CA GLN A 404 -2.36 8.46 -24.01
C GLN A 404 -1.08 8.64 -23.21
N ASP A 405 -1.16 8.64 -21.89
CA ASP A 405 0.03 8.73 -21.05
C ASP A 405 0.73 7.39 -20.88
N LEU A 406 0.17 6.32 -21.43
CA LEU A 406 0.68 4.97 -21.26
C LEU A 406 1.21 4.44 -22.58
N SER A 407 2.26 3.61 -22.49
CA SER A 407 2.73 2.86 -23.63
C SER A 407 3.24 1.51 -23.16
N LEU A 408 3.15 0.51 -24.04
CA LEU A 408 3.53 -0.86 -23.73
C LEU A 408 4.62 -1.32 -24.69
N SER A 409 5.49 -2.20 -24.21
CA SER A 409 6.57 -2.75 -25.05
C SER A 409 6.07 -3.85 -25.97
N ARG A 410 4.92 -4.44 -25.68
CA ARG A 410 4.33 -5.51 -26.47
C ARG A 410 2.88 -5.67 -26.03
N PRO A 411 2.05 -6.34 -26.84
CA PRO A 411 0.65 -6.54 -26.43
C PRO A 411 0.55 -7.34 -25.13
N ILE A 412 -0.39 -6.94 -24.29
CA ILE A 412 -0.72 -7.69 -23.08
C ILE A 412 -1.46 -8.96 -23.47
N ALA A 413 -1.03 -10.09 -22.87
CA ALA A 413 -1.63 -11.40 -23.09
C ALA A 413 -2.72 -11.66 -22.06
N PRO A 414 -3.72 -12.50 -22.38
CA PRO A 414 -4.79 -12.77 -21.41
C PRO A 414 -4.29 -13.45 -20.13
N THR A 415 -3.15 -14.14 -20.18
CA THR A 415 -2.58 -14.74 -18.99
C THR A 415 -2.06 -13.72 -17.99
N GLU A 416 -1.98 -12.45 -18.39
CA GLU A 416 -1.46 -11.40 -17.50
C GLU A 416 -2.56 -10.64 -16.79
N LEU A 417 -3.82 -10.89 -17.15
CA LEU A 417 -4.98 -10.31 -16.47
C LEU A 417 -5.39 -11.25 -15.36
N LEU A 418 -5.01 -10.91 -14.12
CA LEU A 418 -5.08 -11.86 -13.01
C LEU A 418 -5.81 -11.25 -11.83
N TRP A 419 -6.79 -11.99 -11.31
CA TRP A 419 -7.50 -11.64 -10.09
C TRP A 419 -7.71 -12.89 -9.27
N ARG A 420 -7.45 -12.80 -7.97
CA ARG A 420 -7.72 -13.93 -7.11
C ARG A 420 -9.22 -14.09 -6.89
N PRO A 421 -9.73 -15.32 -6.93
CA PRO A 421 -11.19 -15.52 -6.85
C PRO A 421 -11.81 -15.06 -5.54
N GLU A 422 -11.05 -15.03 -4.44
CA GLU A 422 -11.62 -14.58 -3.17
C GLU A 422 -12.04 -13.12 -3.25
N VAL A 423 -11.28 -12.29 -3.97
CA VAL A 423 -11.67 -10.90 -4.17
C VAL A 423 -12.93 -10.81 -5.01
N GLU A 424 -13.03 -11.65 -6.06
CA GLU A 424 -14.26 -11.70 -6.85
C GLU A 424 -15.45 -12.08 -5.97
N VAL A 425 -15.27 -13.08 -5.11
CA VAL A 425 -16.37 -13.55 -4.28
C VAL A 425 -16.83 -12.45 -3.33
N PHE A 426 -15.88 -11.73 -2.73
CA PHE A 426 -16.25 -10.68 -1.78
C PHE A 426 -17.01 -9.55 -2.47
N GLU A 427 -16.61 -9.22 -3.71
CA GLU A 427 -17.28 -8.14 -4.45
C GLU A 427 -18.73 -8.49 -4.73
N THR A 428 -18.99 -9.71 -5.22
CA THR A 428 -20.36 -10.14 -5.49
C THR A 428 -21.22 -10.11 -4.22
N ARG A 429 -20.62 -10.24 -3.04
CA ARG A 429 -21.40 -10.19 -1.81
C ARG A 429 -21.60 -8.77 -1.27
N ILE A 430 -20.76 -7.81 -1.66
CA ILE A 430 -20.93 -6.42 -1.23
C ILE A 430 -21.66 -5.58 -2.27
N GLN A 431 -22.29 -6.20 -3.27
CA GLN A 431 -23.18 -5.49 -4.17
C GLN A 431 -24.60 -5.39 -3.63
N GLU A 432 -24.87 -6.01 -2.48
CA GLU A 432 -26.20 -5.94 -1.89
C GLU A 432 -26.40 -4.65 -1.12
N GLY A 433 -25.37 -4.24 -0.38
CA GLY A 433 -25.34 -2.99 0.35
C GLY A 433 -24.86 -3.17 1.78
N ILE A 434 -24.66 -4.43 2.18
CA ILE A 434 -24.31 -4.82 3.53
C ILE A 434 -23.69 -6.20 3.41
N TRP A 435 -22.73 -6.48 4.28
CA TRP A 435 -22.03 -7.75 4.21
C TRP A 435 -21.71 -8.22 5.62
N GLN A 436 -22.07 -9.47 5.90
CA GLN A 436 -21.82 -10.12 7.18
C GLN A 436 -21.06 -11.40 6.93
N LYS A 437 -19.82 -11.46 7.42
CA LYS A 437 -19.00 -12.65 7.24
C LYS A 437 -19.59 -13.83 8.01
N SER A 438 -19.60 -14.99 7.36
CA SER A 438 -20.16 -16.19 7.96
C SER A 438 -19.24 -16.72 9.06
N HIS A 439 -19.74 -17.74 9.76
CA HIS A 439 -19.09 -18.32 10.95
C HIS A 439 -19.11 -17.33 12.12
PB ADP C . -9.78 8.70 -4.75
O1B ADP C . -8.44 8.61 -5.44
O2B ADP C . -10.77 7.65 -5.19
O3B ADP C . -9.70 8.85 -3.25
PA ADP C . -9.95 11.56 -4.82
O1A ADP C . -8.46 11.66 -4.89
O2A ADP C . -10.69 11.95 -3.55
O3A ADP C . -10.43 10.08 -5.27
O5' ADP C . -10.59 12.42 -6.02
C5' ADP C . -9.98 12.41 -7.31
C4' ADP C . -9.87 13.84 -7.81
O4' ADP C . -11.17 14.38 -8.03
C3' ADP C . -9.18 14.69 -6.76
O3' ADP C . -7.99 15.28 -7.31
C2' ADP C . -10.16 15.77 -6.38
O2' ADP C . -9.55 17.05 -6.52
C1' ADP C . -11.33 15.62 -7.33
N9 ADP C . -12.63 15.60 -6.60
C8 ADP C . -13.24 14.48 -6.15
N7 ADP C . -14.40 14.78 -5.51
C5 ADP C . -14.55 16.11 -5.55
C6 ADP C . -15.56 17.08 -5.07
N6 ADP C . -16.68 16.68 -4.41
N1 ADP C . -15.35 18.39 -5.32
C2 ADP C . -14.26 18.82 -5.98
N3 ADP C . -13.30 17.99 -6.44
C4 ADP C . -13.39 16.65 -6.27
MG MG D . -7.92 7.42 -1.90
#